data_4J9S
#
_entry.id   4J9S
#
_cell.length_a   98.820
_cell.length_b   98.820
_cell.length_c   81.110
_cell.angle_alpha   90.000
_cell.angle_beta   90.000
_cell.angle_gamma   120.000
#
_symmetry.space_group_name_H-M   'P 61'
#
loop_
_entity.id
_entity.type
_entity.pdbx_description
1 polymer 'DNA polymerase eta'
2 polymer "DNA (5'-D(*T*AP*TP*TP*TP*AP*TP*GP*AP*CP*GP*T)-3')"
3 polymer "DNA (5'-D(*TP*AP*CP*GP*TP*CP*AP*TP*A)-3')"
4 non-polymer GLYCEROL
5 water water
#
loop_
_entity_poly.entity_id
_entity_poly.type
_entity_poly.pdbx_seq_one_letter_code
_entity_poly.pdbx_strand_id
1 'polypeptide(L)'
;GPHMATGQDRVVALVDMDCFFVQVEQRQNPHLRNKPCAVVQYKSWKGGGIIAVSYEARAFGVTRSMWADDAKKLCPDLLL
AQVRESRGKANLTKYREASVEVMEIMSRFAVIERASIDEAYVDLTSAVQERLQKLQGQPISADLLPSTYIEGLPQGPTTA
EETVQKEGMRKQGLFQWLDSLQIDNLTSPDLQLTVGAVIVEEMRAAIERETGFQCSAGISHNKVLAKLACGLNKPNRQTL
VSHGSVPQLFSQMPIRKIRSLGGKLGASVIEILGIEYMGELTQFTESQLQSHFGEKNGSWLYAMCRGIEHDPVKPRQLPK
TIGCSKNFPGKTALATREQVQWWLLQLAQELEERLTKDRNDNDRVATQLVVSIRVQGDKRLSSLRRCCALTRYDAHKMSH
DAFTVIKNCNTSGIQTEWSPPLTMLFLCATKFSAS
;
A
2 'polydeoxyribonucleotide' (DT)(DA)(DT)(DT)(DT)(DA)(DT)(DG)(DA)(DC)(DG)(DT) T
3 'polydeoxyribonucleotide' (DT)(DA)(DC)(DG)(DT)(DC)(DA)(DT)(DA) P
#
# COMPACT_ATOMS: atom_id res chain seq x y z
N HIS A 3 -26.32 -23.24 -0.23
CA HIS A 3 -25.65 -23.09 1.06
C HIS A 3 -24.19 -22.65 0.88
N MET A 4 -23.78 -22.47 -0.36
CA MET A 4 -22.39 -22.15 -0.66
C MET A 4 -22.18 -20.64 -0.59
N ALA A 5 -21.40 -20.20 0.40
CA ALA A 5 -21.12 -18.77 0.57
C ALA A 5 -20.34 -18.22 -0.61
N THR A 6 -20.51 -16.94 -0.90
CA THR A 6 -19.95 -16.35 -2.11
C THR A 6 -19.01 -15.18 -1.81
N GLY A 7 -18.72 -14.93 -0.53
CA GLY A 7 -17.86 -13.83 -0.15
C GLY A 7 -18.37 -12.49 -0.68
N GLN A 8 -19.68 -12.27 -0.55
CA GLN A 8 -20.31 -11.09 -1.13
C GLN A 8 -20.92 -10.19 -0.07
N ASP A 9 -20.54 -10.41 1.19
CA ASP A 9 -21.14 -9.74 2.34
C ASP A 9 -20.72 -8.27 2.53
N ARG A 10 -19.55 -7.88 2.02
CA ARG A 10 -19.01 -6.55 2.28
C ARG A 10 -18.72 -5.82 0.98
N VAL A 11 -18.58 -4.49 1.07
CA VAL A 11 -18.02 -3.71 -0.02
C VAL A 11 -16.73 -3.05 0.50
N VAL A 12 -15.62 -3.35 -0.16
CA VAL A 12 -14.31 -2.92 0.32
C VAL A 12 -13.58 -2.24 -0.83
N ALA A 13 -12.90 -1.13 -0.53
CA ALA A 13 -12.08 -0.46 -1.50
C ALA A 13 -10.62 -0.44 -1.07
N LEU A 14 -9.73 -0.29 -2.05
N LEU A 14 -9.73 -0.30 -2.06
CA LEU A 14 -8.33 0.02 -1.72
CA LEU A 14 -8.32 -0.02 -1.81
C LEU A 14 -7.92 1.23 -2.54
C LEU A 14 -7.98 1.26 -2.55
N VAL A 15 -7.46 2.25 -1.84
CA VAL A 15 -7.13 3.51 -2.49
C VAL A 15 -5.63 3.62 -2.48
N ASP A 16 -5.04 3.92 -3.63
CA ASP A 16 -3.59 4.08 -3.73
C ASP A 16 -3.28 5.43 -4.33
N MET A 17 -2.60 6.30 -3.58
CA MET A 17 -2.19 7.58 -4.12
C MET A 17 -1.19 7.33 -5.24
N ASP A 18 -1.50 7.79 -6.45
CA ASP A 18 -0.61 7.62 -7.59
C ASP A 18 0.74 8.25 -7.28
N CYS A 19 1.82 7.49 -7.48
CA CYS A 19 3.20 7.96 -7.29
C CYS A 19 3.30 9.06 -6.24
N PHE A 20 2.93 8.71 -5.01
CA PHE A 20 2.62 9.69 -3.97
C PHE A 20 3.72 10.72 -3.66
N PHE A 21 4.95 10.28 -3.41
CA PHE A 21 6.04 11.21 -3.10
C PHE A 21 6.20 12.22 -4.24
N VAL A 22 6.09 11.73 -5.47
CA VAL A 22 6.14 12.61 -6.62
C VAL A 22 5.02 13.66 -6.61
N GLN A 23 3.78 13.25 -6.36
CA GLN A 23 2.69 14.23 -6.33
C GLN A 23 2.92 15.27 -5.25
N VAL A 24 3.47 14.86 -4.10
CA VAL A 24 3.76 15.81 -3.01
C VAL A 24 4.74 16.88 -3.49
N GLU A 25 5.83 16.47 -4.13
CA GLU A 25 6.82 17.41 -4.65
C GLU A 25 6.24 18.25 -5.78
N GLN A 26 5.36 17.66 -6.58
CA GLN A 26 4.75 18.41 -7.69
C GLN A 26 3.76 19.47 -7.21
N ARG A 27 3.04 19.19 -6.12
CA ARG A 27 2.16 20.21 -5.57
C ARG A 27 3.01 21.39 -5.07
N GLN A 28 4.11 21.07 -4.41
CA GLN A 28 4.99 22.10 -3.81
C GLN A 28 5.71 22.93 -4.87
N ASN A 29 6.12 22.25 -5.94
CA ASN A 29 6.90 22.89 -7.00
C ASN A 29 6.20 22.72 -8.34
N PRO A 30 5.37 23.71 -8.71
CA PRO A 30 4.61 23.64 -9.96
C PRO A 30 5.46 23.37 -11.21
N HIS A 31 6.75 23.71 -11.19
CA HIS A 31 7.63 23.41 -12.32
C HIS A 31 7.74 21.91 -12.64
N LEU A 32 7.45 21.05 -11.66
CA LEU A 32 7.53 19.61 -11.83
C LEU A 32 6.23 18.98 -12.37
N ARG A 33 5.15 19.75 -12.38
CA ARG A 33 3.83 19.18 -12.71
C ARG A 33 3.74 18.76 -14.17
N ASN A 34 3.08 17.62 -14.40
CA ASN A 34 2.87 17.05 -15.74
C ASN A 34 4.15 16.90 -16.54
N LYS A 35 5.23 16.55 -15.84
CA LYS A 35 6.49 16.30 -16.50
C LYS A 35 7.00 14.95 -16.01
N PRO A 36 7.91 14.33 -16.77
CA PRO A 36 8.59 13.13 -16.27
C PRO A 36 9.44 13.54 -15.07
N CYS A 37 9.10 12.99 -13.91
N CYS A 37 9.12 13.00 -13.91
CA CYS A 37 9.67 13.42 -12.63
CA CYS A 37 9.90 13.35 -12.75
C CYS A 37 9.85 12.23 -11.71
C CYS A 37 9.89 12.22 -11.76
N ALA A 38 10.90 12.23 -10.89
CA ALA A 38 11.09 11.17 -9.92
C ALA A 38 11.54 11.77 -8.60
N VAL A 39 11.31 11.03 -7.52
CA VAL A 39 11.86 11.43 -6.24
C VAL A 39 13.06 10.57 -5.93
N VAL A 40 14.18 11.20 -5.57
N VAL A 40 14.16 11.18 -5.52
CA VAL A 40 15.40 10.47 -5.23
CA VAL A 40 15.42 10.49 -5.27
C VAL A 40 15.83 10.72 -3.80
C VAL A 40 15.90 10.75 -3.85
N GLN A 41 16.50 9.76 -3.20
CA GLN A 41 17.16 9.97 -1.92
C GLN A 41 18.68 9.75 -2.03
N TYR A 42 19.45 10.64 -1.42
CA TYR A 42 20.93 10.58 -1.35
C TYR A 42 21.69 10.77 -2.68
N LYS A 43 21.91 11.99 -3.10
CA LYS A 43 22.38 12.21 -4.47
C LYS A 43 23.82 11.81 -4.83
N SER A 44 24.71 11.67 -3.86
CA SER A 44 26.13 11.45 -4.16
C SER A 44 26.39 10.16 -4.93
N TRP A 45 25.88 9.06 -4.41
CA TRP A 45 26.17 7.78 -5.00
C TRP A 45 25.26 7.48 -6.19
N LYS A 46 25.83 7.60 -7.39
CA LYS A 46 25.11 7.35 -8.64
C LYS A 46 23.87 8.21 -8.84
N GLY A 47 23.90 9.43 -8.31
CA GLY A 47 22.85 10.40 -8.49
C GLY A 47 21.73 10.19 -7.48
N GLY A 48 21.82 9.12 -6.71
CA GLY A 48 20.83 8.80 -5.71
C GLY A 48 19.87 7.71 -6.13
N GLY A 49 19.15 7.15 -5.16
CA GLY A 49 18.19 6.10 -5.43
C GLY A 49 16.79 6.64 -5.65
N ILE A 50 16.18 6.24 -6.77
CA ILE A 50 14.82 6.66 -7.07
C ILE A 50 13.82 5.86 -6.28
N ILE A 51 12.84 6.52 -5.66
CA ILE A 51 11.86 5.79 -4.86
C ILE A 51 10.42 6.01 -5.31
N ALA A 52 10.21 6.98 -6.20
CA ALA A 52 8.87 7.26 -6.72
C ALA A 52 9.00 7.87 -8.11
N VAL A 53 8.09 7.51 -9.00
CA VAL A 53 8.26 7.89 -10.41
C VAL A 53 6.94 8.32 -11.01
N SER A 54 6.91 9.47 -11.68
CA SER A 54 5.66 9.94 -12.26
C SER A 54 5.31 9.06 -13.45
N TYR A 55 4.03 9.05 -13.81
CA TYR A 55 3.58 8.23 -14.95
C TYR A 55 4.21 8.66 -16.28
N GLU A 56 4.48 9.95 -16.44
CA GLU A 56 5.21 10.43 -17.61
C GLU A 56 6.61 9.82 -17.66
N ALA A 57 7.26 9.71 -16.51
CA ALA A 57 8.60 9.15 -16.45
C ALA A 57 8.57 7.61 -16.60
N ARG A 58 7.57 6.97 -15.99
CA ARG A 58 7.43 5.51 -16.13
C ARG A 58 7.36 5.08 -17.58
N ALA A 59 6.87 5.99 -18.43
CA ALA A 59 6.69 5.69 -19.86
C ALA A 59 8.03 5.53 -20.57
N PHE A 60 9.08 6.09 -19.99
CA PHE A 60 10.44 5.95 -20.50
C PHE A 60 11.16 4.75 -19.93
N GLY A 61 10.51 4.02 -19.03
CA GLY A 61 11.13 2.86 -18.40
C GLY A 61 11.76 3.15 -17.05
N VAL A 62 11.50 4.33 -16.50
CA VAL A 62 12.03 4.65 -15.19
C VAL A 62 11.20 3.94 -14.12
N THR A 63 11.88 3.29 -13.18
CA THR A 63 11.24 2.55 -12.09
C THR A 63 11.84 2.93 -10.75
N ARG A 64 11.19 2.55 -9.67
CA ARG A 64 11.74 2.71 -8.33
C ARG A 64 12.91 1.72 -8.17
N SER A 65 13.77 1.98 -7.20
CA SER A 65 14.94 1.15 -6.99
C SER A 65 15.87 1.15 -8.20
N MET A 66 15.95 2.30 -8.84
CA MET A 66 16.82 2.53 -9.99
C MET A 66 17.71 3.69 -9.55
N TRP A 67 18.99 3.67 -9.91
CA TRP A 67 19.84 4.82 -9.59
C TRP A 67 19.47 5.98 -10.50
N ALA A 68 19.49 7.20 -9.98
CA ALA A 68 19.07 8.37 -10.78
C ALA A 68 19.92 8.52 -12.02
N ASP A 69 21.23 8.27 -11.90
CA ASP A 69 22.12 8.35 -13.06
C ASP A 69 21.63 7.41 -14.17
N ASP A 70 21.19 6.23 -13.77
CA ASP A 70 20.65 5.28 -14.73
C ASP A 70 19.31 5.73 -15.31
N ALA A 71 18.44 6.25 -14.46
CA ALA A 71 17.16 6.75 -14.95
C ALA A 71 17.33 7.89 -15.97
N LYS A 72 18.36 8.70 -15.78
CA LYS A 72 18.66 9.79 -16.69
C LYS A 72 19.10 9.30 -18.09
N LYS A 73 19.65 8.08 -18.16
CA LYS A 73 19.95 7.48 -19.44
C LYS A 73 18.66 7.11 -20.18
N LEU A 74 17.68 6.60 -19.44
CA LEU A 74 16.40 6.23 -20.08
C LEU A 74 15.59 7.46 -20.44
N CYS A 75 15.79 8.53 -19.68
CA CYS A 75 14.92 9.71 -19.80
C CYS A 75 15.74 10.94 -19.48
N PRO A 76 16.37 11.52 -20.50
CA PRO A 76 17.34 12.61 -20.28
C PRO A 76 16.72 13.86 -19.66
N ASP A 77 15.42 14.07 -19.89
CA ASP A 77 14.74 15.28 -19.39
C ASP A 77 14.13 15.07 -18.02
N LEU A 78 14.38 13.91 -17.42
CA LEU A 78 13.82 13.58 -16.13
C LEU A 78 14.10 14.69 -15.10
N LEU A 79 13.07 15.15 -14.42
CA LEU A 79 13.27 16.13 -13.36
C LEU A 79 13.30 15.37 -12.04
N LEU A 80 14.10 15.83 -11.07
CA LEU A 80 14.24 15.11 -9.82
C LEU A 80 13.95 16.02 -8.63
N ALA A 81 13.24 15.46 -7.65
CA ALA A 81 13.11 16.11 -6.37
C ALA A 81 13.78 15.22 -5.35
N GLN A 82 14.56 15.82 -4.46
CA GLN A 82 15.30 15.07 -3.46
C GLN A 82 14.55 14.97 -2.16
N VAL A 83 14.57 13.79 -1.55
CA VAL A 83 14.04 13.66 -0.21
C VAL A 83 14.87 14.53 0.75
N ARG A 84 14.20 15.20 1.69
CA ARG A 84 14.90 15.97 2.74
C ARG A 84 15.86 15.05 3.52
N GLU A 85 17.02 15.59 3.86
CA GLU A 85 18.01 14.84 4.60
C GLU A 85 18.27 15.59 5.91
N SER A 86 18.07 14.90 7.03
CA SER A 86 18.25 15.48 8.36
C SER A 86 19.09 14.55 9.19
N ARG A 87 20.06 15.12 9.91
CA ARG A 87 20.98 14.35 10.73
C ARG A 87 21.64 13.23 9.95
N GLY A 88 21.99 13.53 8.71
CA GLY A 88 22.67 12.56 7.87
C GLY A 88 21.84 11.39 7.34
N LYS A 89 20.51 11.51 7.40
CA LYS A 89 19.66 10.44 6.86
C LYS A 89 18.42 10.99 6.17
N ALA A 90 17.79 10.17 5.33
CA ALA A 90 16.55 10.57 4.69
C ALA A 90 15.49 10.82 5.75
N ASN A 91 14.69 11.88 5.53
CA ASN A 91 13.66 12.28 6.47
C ASN A 91 12.34 12.38 5.70
N LEU A 92 11.40 11.51 6.03
CA LEU A 92 10.20 11.37 5.20
C LEU A 92 9.00 12.15 5.76
N THR A 93 9.28 13.09 6.67
CA THR A 93 8.23 13.85 7.35
C THR A 93 7.20 14.50 6.43
N LYS A 94 7.66 15.14 5.37
CA LYS A 94 6.78 15.85 4.44
C LYS A 94 5.71 14.90 3.86
N TYR A 95 6.12 13.66 3.56
CA TYR A 95 5.22 12.67 2.95
C TYR A 95 4.29 12.11 4.00
N ARG A 96 4.81 11.90 5.21
CA ARG A 96 3.97 11.41 6.31
C ARG A 96 2.87 12.41 6.60
N GLU A 97 3.22 13.69 6.59
CA GLU A 97 2.24 14.75 6.84
C GLU A 97 1.24 14.86 5.70
N ALA A 98 1.71 14.77 4.47
CA ALA A 98 0.77 14.75 3.34
C ALA A 98 -0.17 13.54 3.42
N SER A 99 0.36 12.39 3.81
CA SER A 99 -0.47 11.19 3.93
C SER A 99 -1.58 11.40 4.94
N VAL A 100 -1.26 12.04 6.06
CA VAL A 100 -2.25 12.38 7.05
C VAL A 100 -3.36 13.27 6.48
N GLU A 101 -3.00 14.25 5.64
CA GLU A 101 -4.00 15.09 4.96
C GLU A 101 -5.04 14.24 4.25
N VAL A 102 -4.55 13.22 3.53
CA VAL A 102 -5.45 12.43 2.70
C VAL A 102 -6.32 11.51 3.53
N MET A 103 -5.70 10.82 4.48
CA MET A 103 -6.43 9.88 5.32
C MET A 103 -7.52 10.57 6.16
N GLU A 104 -7.30 11.84 6.52
CA GLU A 104 -8.30 12.58 7.27
C GLU A 104 -9.54 12.85 6.43
N ILE A 105 -9.32 13.07 5.14
CA ILE A 105 -10.44 13.24 4.22
C ILE A 105 -11.16 11.91 3.98
N MET A 106 -10.41 10.84 3.84
CA MET A 106 -11.02 9.53 3.61
C MET A 106 -11.93 9.12 4.77
N SER A 107 -11.52 9.45 5.99
CA SER A 107 -12.24 9.03 7.19
C SER A 107 -13.67 9.60 7.32
N ARG A 108 -13.90 10.73 6.68
CA ARG A 108 -15.19 11.38 6.54
C ARG A 108 -16.17 10.50 5.78
N PHE A 109 -15.64 9.65 4.91
CA PHE A 109 -16.51 8.90 4.00
C PHE A 109 -16.81 7.51 4.47
N ALA A 110 -15.87 6.90 5.20
CA ALA A 110 -15.98 5.50 5.55
C ALA A 110 -14.89 5.11 6.51
N VAL A 111 -14.86 3.84 6.88
CA VAL A 111 -13.88 3.33 7.83
C VAL A 111 -12.59 2.97 7.12
N ILE A 112 -11.46 3.50 7.59
CA ILE A 112 -10.20 3.27 6.89
C ILE A 112 -9.14 2.48 7.69
N GLU A 113 -8.41 1.63 6.96
CA GLU A 113 -7.21 0.95 7.46
C GLU A 113 -5.99 1.49 6.72
N ARG A 114 -5.09 2.15 7.44
CA ARG A 114 -3.84 2.63 6.84
C ARG A 114 -2.95 1.44 6.51
N ALA A 115 -2.76 1.16 5.22
CA ALA A 115 -1.94 0.01 4.84
C ALA A 115 -0.47 0.38 4.71
N SER A 116 -0.22 1.61 4.27
CA SER A 116 1.12 2.14 4.09
C SER A 116 0.99 3.66 4.01
N ILE A 117 2.09 4.35 3.76
CA ILE A 117 2.07 5.80 3.64
C ILE A 117 1.16 6.26 2.48
N ASP A 118 0.96 5.40 1.49
CA ASP A 118 0.27 5.81 0.27
C ASP A 118 -0.94 4.94 -0.11
N GLU A 119 -1.28 3.97 0.72
CA GLU A 119 -2.54 3.27 0.47
C GLU A 119 -3.36 2.95 1.72
N ALA A 120 -4.68 2.94 1.55
CA ALA A 120 -5.58 2.63 2.64
C ALA A 120 -6.71 1.74 2.16
N TYR A 121 -7.09 0.78 2.99
CA TYR A 121 -8.31 0.05 2.70
C TYR A 121 -9.48 0.78 3.31
N VAL A 122 -10.63 0.64 2.66
CA VAL A 122 -11.84 1.35 3.01
C VAL A 122 -12.99 0.36 3.11
N ASP A 123 -13.66 0.35 4.24
CA ASP A 123 -14.80 -0.52 4.41
C ASP A 123 -16.08 0.29 4.18
N LEU A 124 -16.75 0.02 3.07
CA LEU A 124 -17.87 0.83 2.59
C LEU A 124 -19.24 0.21 2.84
N THR A 125 -19.27 -0.96 3.46
CA THR A 125 -20.52 -1.71 3.64
C THR A 125 -21.65 -0.88 4.24
N SER A 126 -21.36 -0.24 5.37
CA SER A 126 -22.32 0.64 6.03
C SER A 126 -22.68 1.86 5.18
N ALA A 127 -21.67 2.52 4.62
CA ALA A 127 -21.93 3.73 3.86
C ALA A 127 -22.81 3.41 2.65
N VAL A 128 -22.58 2.25 2.07
CA VAL A 128 -23.38 1.80 0.94
C VAL A 128 -24.86 1.56 1.33
N GLN A 129 -25.07 0.89 2.45
CA GLN A 129 -26.43 0.63 2.94
C GLN A 129 -27.24 1.92 3.10
N GLU A 130 -26.62 2.94 3.69
CA GLU A 130 -27.29 4.23 3.91
C GLU A 130 -27.58 4.98 2.61
N ARG A 131 -26.61 4.97 1.69
CA ARG A 131 -26.80 5.65 0.41
C ARG A 131 -27.92 4.98 -0.38
N LEU A 132 -28.07 3.67 -0.21
CA LEU A 132 -29.11 2.90 -0.89
C LEU A 132 -30.51 3.21 -0.40
N GLN A 133 -30.62 3.79 0.79
CA GLN A 133 -31.92 4.20 1.31
C GLN A 133 -32.28 5.58 0.77
N LYS A 134 -31.31 6.47 0.73
CA LYS A 134 -31.52 7.85 0.29
C LYS A 134 -31.98 7.91 -1.16
N LEU A 135 -31.29 7.16 -2.02
CA LEU A 135 -31.74 6.95 -3.40
C LEU A 135 -32.35 5.57 -3.45
N GLN A 136 -33.66 5.50 -3.68
CA GLN A 136 -34.37 4.21 -3.71
C GLN A 136 -35.26 4.06 -4.93
N GLY A 137 -34.87 3.14 -5.82
CA GLY A 137 -35.61 2.88 -7.04
C GLY A 137 -35.28 3.88 -8.14
N GLN A 138 -34.28 4.72 -7.86
CA GLN A 138 -33.77 5.66 -8.86
C GLN A 138 -32.61 4.98 -9.58
N PRO A 139 -32.58 5.08 -10.93
CA PRO A 139 -31.44 4.58 -11.68
C PRO A 139 -30.17 5.29 -11.25
N ILE A 140 -29.05 4.59 -11.29
CA ILE A 140 -27.75 5.19 -11.05
C ILE A 140 -27.21 5.63 -12.38
N SER A 141 -26.97 6.92 -12.53
CA SER A 141 -26.53 7.47 -13.80
C SER A 141 -25.04 7.19 -14.04
N ALA A 142 -24.68 6.94 -15.29
CA ALA A 142 -23.29 6.81 -15.66
C ALA A 142 -22.49 8.04 -15.22
N ASP A 143 -23.16 9.19 -15.11
CA ASP A 143 -22.51 10.45 -14.76
C ASP A 143 -22.00 10.43 -13.33
N LEU A 144 -22.52 9.52 -12.51
CA LEU A 144 -22.04 9.37 -11.14
C LEU A 144 -20.74 8.56 -11.09
N LEU A 145 -20.38 7.95 -12.21
CA LEU A 145 -19.20 7.08 -12.24
C LEU A 145 -18.26 7.47 -13.36
N PRO A 146 -17.76 8.73 -13.33
CA PRO A 146 -17.05 9.23 -14.50
C PRO A 146 -15.63 8.69 -14.68
N SER A 147 -15.09 7.99 -13.69
CA SER A 147 -13.75 7.47 -13.84
C SER A 147 -13.70 5.99 -13.48
N THR A 148 -14.87 5.35 -13.50
CA THR A 148 -15.02 3.93 -13.14
C THR A 148 -14.96 2.96 -14.34
N TYR A 149 -14.14 1.91 -14.19
CA TYR A 149 -14.07 0.78 -15.11
C TYR A 149 -14.76 -0.42 -14.48
N ILE A 150 -15.53 -1.16 -15.27
CA ILE A 150 -16.11 -2.40 -14.79
C ILE A 150 -15.31 -3.54 -15.39
N GLU A 151 -14.50 -4.21 -14.57
CA GLU A 151 -13.62 -5.25 -15.09
C GLU A 151 -14.44 -6.39 -15.73
N GLY A 152 -14.04 -6.78 -16.93
CA GLY A 152 -14.74 -7.80 -17.68
C GLY A 152 -15.57 -7.24 -18.83
N LEU A 153 -15.93 -5.97 -18.72
CA LEU A 153 -16.80 -5.33 -19.70
C LEU A 153 -16.05 -4.23 -20.45
N PRO A 154 -16.50 -3.92 -21.67
CA PRO A 154 -17.62 -4.53 -22.40
C PRO A 154 -17.29 -5.92 -22.97
N GLN A 155 -18.32 -6.71 -23.19
CA GLN A 155 -18.21 -8.05 -23.78
C GLN A 155 -19.29 -8.15 -24.86
N GLY A 156 -18.96 -8.77 -26.00
CA GLY A 156 -19.90 -8.88 -27.10
C GLY A 156 -19.27 -8.59 -28.45
N THR A 163 -14.05 0.94 -28.92
CA THR A 163 -14.22 1.76 -30.11
C THR A 163 -12.88 2.37 -30.55
N VAL A 164 -11.79 1.64 -30.28
CA VAL A 164 -10.40 2.08 -30.49
C VAL A 164 -9.93 3.28 -29.63
N GLN A 165 -10.83 3.85 -28.82
CA GLN A 165 -10.39 4.78 -27.77
C GLN A 165 -10.75 4.24 -26.38
N LYS A 166 -9.80 4.36 -25.45
CA LYS A 166 -9.95 3.80 -24.10
C LYS A 166 -11.19 4.32 -23.39
N GLU A 167 -11.42 5.63 -23.50
CA GLU A 167 -12.55 6.25 -22.85
C GLU A 167 -13.85 5.70 -23.41
N GLY A 168 -13.84 5.40 -24.71
CA GLY A 168 -15.00 4.80 -25.34
C GLY A 168 -15.32 3.45 -24.72
N MET A 169 -14.31 2.59 -24.68
CA MET A 169 -14.46 1.26 -24.08
C MET A 169 -14.96 1.37 -22.64
N ARG A 170 -14.35 2.25 -21.85
CA ARG A 170 -14.76 2.44 -20.46
C ARG A 170 -16.26 2.67 -20.38
N LYS A 171 -16.75 3.63 -21.17
CA LYS A 171 -18.17 3.99 -21.13
C LYS A 171 -19.07 2.85 -21.61
N GLN A 172 -18.63 2.12 -22.63
CA GLN A 172 -19.43 1.02 -23.14
C GLN A 172 -19.58 -0.05 -22.06
N GLY A 173 -18.48 -0.36 -21.34
CA GLY A 173 -18.53 -1.35 -20.29
C GLY A 173 -19.45 -0.91 -19.16
N LEU A 174 -19.33 0.37 -18.81
CA LEU A 174 -20.16 0.94 -17.77
C LEU A 174 -21.63 0.90 -18.16
N PHE A 175 -21.93 1.24 -19.42
CA PHE A 175 -23.31 1.20 -19.89
C PHE A 175 -23.91 -0.20 -19.81
N GLN A 176 -23.15 -1.19 -20.27
CA GLN A 176 -23.58 -2.59 -20.21
C GLN A 176 -23.86 -2.99 -18.78
N TRP A 177 -22.94 -2.66 -17.87
CA TRP A 177 -23.12 -2.93 -16.44
C TRP A 177 -24.41 -2.31 -15.92
N LEU A 178 -24.52 -1.00 -16.07
CA LEU A 178 -25.68 -0.27 -15.56
C LEU A 178 -26.97 -0.70 -16.23
N ASP A 179 -26.92 -1.01 -17.53
CA ASP A 179 -28.16 -1.42 -18.21
C ASP A 179 -28.66 -2.76 -17.66
N SER A 180 -27.75 -3.58 -17.16
CA SER A 180 -28.12 -4.85 -16.63
C SER A 180 -28.47 -4.81 -15.16
N LEU A 181 -28.04 -3.74 -14.50
N LEU A 181 -28.10 -3.74 -14.48
CA LEU A 181 -28.47 -3.41 -13.16
CA LEU A 181 -28.30 -3.68 -13.02
C LEU A 181 -29.92 -2.93 -13.21
C LEU A 181 -29.76 -3.77 -12.57
N GLN A 182 -30.14 -1.88 -14.01
N GLN A 182 -30.00 -4.53 -11.49
CA GLN A 182 -31.47 -1.33 -14.24
CA GLN A 182 -31.34 -4.67 -10.92
C GLN A 182 -32.49 -2.34 -14.79
C GLN A 182 -31.60 -3.66 -9.78
N ILE A 183 -32.02 -3.39 -15.47
N ILE A 183 -32.27 -2.56 -10.11
CA ILE A 183 -32.88 -4.44 -16.01
CA ILE A 183 -32.55 -1.48 -9.16
C ILE A 183 -33.39 -5.35 -14.89
C ILE A 183 -33.36 -1.92 -7.94
N ASP A 184 -32.49 -5.63 -13.95
N ASP A 184 -34.36 -2.76 -8.17
CA ASP A 184 -32.58 -6.61 -12.85
CA ASP A 184 -35.35 -3.14 -7.15
C ASP A 184 -31.75 -7.90 -13.10
C ASP A 184 -34.77 -3.67 -5.81
N ASN A 185 -31.01 -7.94 -14.22
N ASN A 185 -33.80 -4.57 -5.90
CA ASN A 185 -30.10 -9.07 -14.54
CA ASN A 185 -33.31 -5.29 -4.74
C ASN A 185 -28.95 -9.33 -13.55
C ASN A 185 -32.17 -4.59 -4.03
N LEU A 186 -28.42 -8.26 -12.95
N LEU A 186 -32.45 -4.06 -2.85
CA LEU A 186 -27.34 -8.42 -11.99
CA LEU A 186 -31.43 -3.41 -2.04
C LEU A 186 -27.88 -8.69 -10.58
C LEU A 186 -30.30 -4.35 -1.58
N THR A 187 -26.97 -8.86 -9.63
N THR A 187 -30.59 -5.64 -1.50
CA THR A 187 -27.36 -9.22 -8.27
CA THR A 187 -29.59 -6.61 -1.04
C THR A 187 -27.34 -8.02 -7.32
C THR A 187 -28.54 -7.02 -2.07
N SER A 188 -27.90 -8.22 -6.14
N SER A 188 -28.86 -6.82 -3.35
CA SER A 188 -27.92 -7.18 -5.11
CA SER A 188 -28.04 -7.20 -4.49
C SER A 188 -26.50 -6.80 -4.64
C SER A 188 -26.55 -6.81 -4.37
N PRO A 189 -25.65 -7.81 -4.39
CA PRO A 189 -24.21 -7.51 -4.25
C PRO A 189 -23.66 -6.61 -5.36
N ASP A 190 -24.08 -6.82 -6.62
CA ASP A 190 -23.60 -5.97 -7.71
C ASP A 190 -24.05 -4.52 -7.53
N LEU A 191 -25.31 -4.35 -7.16
CA LEU A 191 -25.83 -3.04 -6.82
C LEU A 191 -25.00 -2.43 -5.68
N GLN A 192 -24.70 -3.25 -4.67
CA GLN A 192 -23.92 -2.76 -3.52
C GLN A 192 -22.54 -2.26 -3.93
N LEU A 193 -21.82 -3.03 -4.75
CA LEU A 193 -20.54 -2.60 -5.29
C LEU A 193 -20.66 -1.32 -6.10
N THR A 194 -21.74 -1.18 -6.85
CA THR A 194 -21.91 -0.05 -7.75
C THR A 194 -22.04 1.25 -6.93
N VAL A 195 -22.86 1.18 -5.90
CA VAL A 195 -23.01 2.26 -4.96
C VAL A 195 -21.68 2.54 -4.26
N GLY A 196 -20.98 1.48 -3.86
CA GLY A 196 -19.64 1.63 -3.29
C GLY A 196 -18.73 2.45 -4.19
N ALA A 197 -18.80 2.16 -5.49
CA ALA A 197 -18.02 2.90 -6.48
C ALA A 197 -18.45 4.37 -6.60
N VAL A 198 -19.75 4.62 -6.49
CA VAL A 198 -20.21 6.00 -6.48
C VAL A 198 -19.55 6.74 -5.31
N ILE A 199 -19.59 6.15 -4.13
CA ILE A 199 -19.01 6.79 -2.94
C ILE A 199 -17.50 7.01 -3.12
N VAL A 200 -16.81 6.04 -3.71
CA VAL A 200 -15.37 6.19 -3.94
C VAL A 200 -15.06 7.30 -4.94
N GLU A 201 -15.88 7.45 -5.98
CA GLU A 201 -15.74 8.59 -6.88
C GLU A 201 -15.81 9.89 -6.08
N GLU A 202 -16.79 9.95 -5.18
CA GLU A 202 -17.00 11.12 -4.32
C GLU A 202 -15.83 11.35 -3.36
N MET A 203 -15.31 10.26 -2.80
CA MET A 203 -14.17 10.35 -1.91
C MET A 203 -12.95 10.86 -2.67
N ARG A 204 -12.73 10.30 -3.86
CA ARG A 204 -11.58 10.69 -4.67
C ARG A 204 -11.71 12.13 -5.18
N ALA A 205 -12.93 12.59 -5.43
CA ALA A 205 -13.12 13.99 -5.81
C ALA A 205 -12.78 14.91 -4.66
N ALA A 206 -13.19 14.52 -3.47
CA ALA A 206 -12.92 15.34 -2.29
C ALA A 206 -11.41 15.42 -1.98
N ILE A 207 -10.70 14.31 -2.15
CA ILE A 207 -9.26 14.27 -1.93
C ILE A 207 -8.57 15.20 -2.90
N GLU A 208 -8.92 15.11 -4.17
CA GLU A 208 -8.28 15.97 -5.17
C GLU A 208 -8.59 17.45 -4.95
N ARG A 209 -9.84 17.76 -4.64
CA ARG A 209 -10.25 19.15 -4.44
C ARG A 209 -9.51 19.76 -3.29
N GLU A 210 -9.43 19.00 -2.19
CA GLU A 210 -8.92 19.49 -0.92
C GLU A 210 -7.40 19.34 -0.72
N THR A 211 -6.76 18.49 -1.51
CA THR A 211 -5.31 18.32 -1.33
C THR A 211 -4.57 18.54 -2.64
N GLY A 212 -5.29 18.42 -3.74
CA GLY A 212 -4.65 18.41 -5.04
C GLY A 212 -4.14 17.04 -5.49
N PHE A 213 -4.23 16.03 -4.65
CA PHE A 213 -3.69 14.71 -4.99
C PHE A 213 -4.69 13.83 -5.74
N GLN A 214 -4.20 13.09 -6.72
CA GLN A 214 -5.00 12.09 -7.43
C GLN A 214 -4.71 10.67 -6.94
N CYS A 215 -5.66 9.77 -7.09
N CYS A 215 -5.73 9.82 -6.99
CA CYS A 215 -5.41 8.41 -6.69
CA CYS A 215 -5.63 8.42 -6.56
C CYS A 215 -6.25 7.46 -7.52
C CYS A 215 -6.16 7.48 -7.64
N SER A 216 -5.84 6.19 -7.50
CA SER A 216 -6.57 5.14 -8.19
C SER A 216 -7.23 4.32 -7.09
N ALA A 217 -8.29 3.60 -7.43
CA ALA A 217 -8.93 2.78 -6.42
C ALA A 217 -9.49 1.52 -7.03
N GLY A 218 -9.64 0.48 -6.20
CA GLY A 218 -10.30 -0.74 -6.62
C GLY A 218 -11.47 -0.93 -5.70
N ILE A 219 -12.61 -1.35 -6.24
CA ILE A 219 -13.78 -1.64 -5.43
C ILE A 219 -14.20 -3.07 -5.66
N SER A 220 -14.34 -3.81 -4.55
CA SER A 220 -14.81 -5.19 -4.65
C SER A 220 -15.37 -5.65 -3.30
N HIS A 221 -15.39 -6.97 -3.09
CA HIS A 221 -16.02 -7.54 -1.88
C HIS A 221 -15.03 -7.86 -0.75
N ASN A 222 -13.74 -7.71 -1.00
CA ASN A 222 -12.74 -7.98 0.02
C ASN A 222 -11.44 -7.27 -0.33
N LYS A 223 -10.46 -7.33 0.57
CA LYS A 223 -9.25 -6.54 0.41
C LYS A 223 -8.37 -7.02 -0.74
N VAL A 224 -8.26 -8.33 -0.90
CA VAL A 224 -7.41 -8.87 -1.96
C VAL A 224 -7.93 -8.49 -3.33
N LEU A 225 -9.23 -8.65 -3.55
CA LEU A 225 -9.81 -8.26 -4.83
C LEU A 225 -9.76 -6.74 -5.04
N ALA A 226 -9.99 -5.98 -3.97
CA ALA A 226 -9.92 -4.52 -4.07
C ALA A 226 -8.52 -4.09 -4.47
N LYS A 227 -7.51 -4.64 -3.80
CA LYS A 227 -6.12 -4.35 -4.15
C LYS A 227 -5.79 -4.71 -5.59
N LEU A 228 -6.24 -5.89 -6.02
CA LEU A 228 -6.05 -6.33 -7.39
C LEU A 228 -6.77 -5.42 -8.37
N ALA A 229 -8.01 -5.07 -8.05
CA ALA A 229 -8.83 -4.17 -8.87
C ALA A 229 -8.17 -2.82 -9.05
N CYS A 230 -7.57 -2.30 -7.98
CA CYS A 230 -6.99 -0.96 -8.00
C CYS A 230 -5.90 -0.83 -9.07
N GLY A 231 -5.10 -1.89 -9.24
CA GLY A 231 -3.98 -1.87 -10.18
C GLY A 231 -4.36 -2.08 -11.64
N LEU A 232 -5.64 -2.36 -11.91
CA LEU A 232 -6.08 -2.68 -13.27
C LEU A 232 -6.15 -1.47 -14.21
N ASN A 233 -6.42 -0.30 -13.66
CA ASN A 233 -6.56 0.91 -14.49
C ASN A 233 -5.99 2.11 -13.73
N LYS A 234 -4.77 2.48 -14.09
CA LYS A 234 -4.08 3.56 -13.39
C LYS A 234 -3.46 4.43 -14.44
N PRO A 235 -3.19 5.70 -14.10
CA PRO A 235 -3.44 6.43 -12.85
C PRO A 235 -4.82 7.11 -12.84
N ASN A 236 -5.24 7.64 -11.69
CA ASN A 236 -6.44 8.49 -11.62
C ASN A 236 -7.74 7.83 -12.11
N ARG A 237 -7.86 6.52 -11.92
CA ARG A 237 -9.08 5.83 -12.34
C ARG A 237 -9.44 4.83 -11.26
N GLN A 238 -10.65 4.26 -11.32
CA GLN A 238 -10.99 3.24 -10.35
C GLN A 238 -11.67 2.06 -11.04
N THR A 239 -11.53 0.88 -10.46
CA THR A 239 -12.04 -0.33 -11.10
C THR A 239 -12.91 -1.14 -10.15
N LEU A 240 -14.06 -1.55 -10.64
CA LEU A 240 -14.99 -2.38 -9.89
C LEU A 240 -14.80 -3.83 -10.35
N VAL A 241 -14.44 -4.71 -9.42
CA VAL A 241 -14.33 -6.14 -9.70
C VAL A 241 -15.47 -6.85 -8.99
N SER A 242 -16.44 -7.33 -9.77
CA SER A 242 -17.59 -8.03 -9.20
C SER A 242 -17.22 -9.47 -8.90
N HIS A 243 -18.06 -10.13 -8.10
CA HIS A 243 -17.84 -11.54 -7.79
C HIS A 243 -17.92 -12.34 -9.09
N GLY A 244 -18.84 -11.94 -9.96
CA GLY A 244 -19.04 -12.60 -11.24
C GLY A 244 -17.85 -12.53 -12.18
N SER A 245 -17.08 -11.44 -12.07
CA SER A 245 -15.91 -11.23 -12.91
C SER A 245 -14.74 -12.13 -12.56
N VAL A 246 -14.78 -12.74 -11.39
CA VAL A 246 -13.62 -13.49 -10.86
C VAL A 246 -13.13 -14.68 -11.70
N PRO A 247 -14.03 -15.59 -12.14
CA PRO A 247 -13.50 -16.71 -12.91
C PRO A 247 -12.67 -16.30 -14.14
N GLN A 248 -13.16 -15.35 -14.94
CA GLN A 248 -12.41 -14.93 -16.10
C GLN A 248 -11.16 -14.15 -15.70
N LEU A 249 -11.30 -13.28 -14.71
CA LEU A 249 -10.15 -12.49 -14.27
C LEU A 249 -9.03 -13.39 -13.76
N PHE A 250 -9.39 -14.38 -12.96
CA PHE A 250 -8.40 -15.28 -12.39
C PHE A 250 -7.84 -16.29 -13.37
N SER A 251 -8.59 -16.55 -14.45
CA SER A 251 -8.20 -17.61 -15.39
C SER A 251 -6.84 -17.34 -16.03
N GLN A 252 -6.45 -16.08 -16.15
CA GLN A 252 -5.14 -15.76 -16.70
C GLN A 252 -4.29 -14.89 -15.77
N MET A 253 -4.64 -14.89 -14.50
CA MET A 253 -3.94 -14.04 -13.53
C MET A 253 -2.79 -14.81 -12.91
N PRO A 254 -1.55 -14.41 -13.20
CA PRO A 254 -0.41 -15.05 -12.51
C PRO A 254 -0.59 -15.03 -11.00
N ILE A 255 -0.29 -16.15 -10.37
CA ILE A 255 -0.45 -16.30 -8.92
C ILE A 255 0.25 -15.19 -8.10
N ARG A 256 1.40 -14.75 -8.58
CA ARG A 256 2.19 -13.76 -7.84
C ARG A 256 1.54 -12.37 -7.78
N LYS A 257 0.53 -12.10 -8.60
CA LYS A 257 -0.14 -10.81 -8.59
C LYS A 257 -1.10 -10.65 -7.42
N ILE A 258 -1.50 -11.77 -6.83
CA ILE A 258 -2.46 -11.75 -5.71
C ILE A 258 -1.70 -11.40 -4.44
N ARG A 259 -2.26 -10.48 -3.64
CA ARG A 259 -1.59 -10.02 -2.42
C ARG A 259 -1.26 -11.17 -1.46
N SER A 260 0.02 -11.23 -1.08
CA SER A 260 0.63 -12.22 -0.16
C SER A 260 1.23 -13.41 -0.92
N LEU A 261 1.00 -13.48 -2.22
CA LEU A 261 1.52 -14.57 -3.03
C LEU A 261 2.66 -14.11 -3.93
N GLY A 262 3.13 -12.89 -3.70
CA GLY A 262 4.24 -12.36 -4.48
C GLY A 262 5.63 -12.84 -4.11
N GLY A 263 5.72 -13.66 -3.07
CA GLY A 263 7.00 -14.11 -2.56
C GLY A 263 7.18 -15.62 -2.58
N LYS A 264 7.76 -16.13 -1.51
CA LYS A 264 8.11 -17.55 -1.40
C LYS A 264 6.91 -18.51 -1.42
N LEU A 265 5.85 -18.19 -0.68
CA LEU A 265 4.67 -19.06 -0.67
C LEU A 265 4.09 -19.16 -2.07
N GLY A 266 3.91 -18.02 -2.73
CA GLY A 266 3.43 -17.99 -4.09
C GLY A 266 4.28 -18.87 -5.01
N ALA A 267 5.59 -18.78 -4.85
CA ALA A 267 6.50 -19.57 -5.69
C ALA A 267 6.36 -21.06 -5.38
N SER A 268 6.09 -21.38 -4.10
CA SER A 268 5.86 -22.76 -3.68
C SER A 268 4.60 -23.32 -4.29
N VAL A 269 3.54 -22.52 -4.25
CA VAL A 269 2.27 -22.93 -4.85
C VAL A 269 2.48 -23.30 -6.31
N ILE A 270 3.19 -22.43 -7.03
CA ILE A 270 3.50 -22.65 -8.45
C ILE A 270 4.32 -23.93 -8.67
N GLU A 271 5.35 -24.12 -7.86
CA GLU A 271 6.26 -25.24 -8.00
C GLU A 271 5.67 -26.57 -7.56
N ILE A 272 4.98 -26.58 -6.43
CA ILE A 272 4.43 -27.83 -5.91
C ILE A 272 3.21 -28.31 -6.73
N LEU A 273 2.35 -27.39 -7.14
CA LEU A 273 1.13 -27.79 -7.85
C LEU A 273 1.28 -27.83 -9.36
N GLY A 274 2.35 -27.21 -9.87
CA GLY A 274 2.59 -27.21 -11.30
C GLY A 274 1.61 -26.33 -12.07
N ILE A 275 1.21 -25.21 -11.45
CA ILE A 275 0.27 -24.27 -12.07
C ILE A 275 0.86 -22.85 -12.18
N GLU A 276 0.17 -21.97 -12.92
CA GLU A 276 0.63 -20.60 -13.14
C GLU A 276 -0.41 -19.53 -12.78
N TYR A 277 -1.69 -19.84 -12.95
CA TYR A 277 -2.75 -18.84 -12.78
C TYR A 277 -3.62 -19.08 -11.55
N MET A 278 -4.11 -17.99 -10.97
CA MET A 278 -4.89 -18.07 -9.75
C MET A 278 -6.10 -19.04 -9.89
N GLY A 279 -6.78 -18.98 -11.02
CA GLY A 279 -7.99 -19.77 -11.22
C GLY A 279 -7.75 -21.27 -11.18
N GLU A 280 -6.55 -21.69 -11.57
CA GLU A 280 -6.21 -23.10 -11.59
C GLU A 280 -6.26 -23.76 -10.22
N LEU A 281 -6.18 -22.94 -9.17
CA LEU A 281 -6.28 -23.44 -7.80
C LEU A 281 -7.63 -24.09 -7.47
N THR A 282 -8.68 -23.77 -8.22
CA THR A 282 -10.01 -24.30 -7.87
C THR A 282 -10.10 -25.81 -8.01
N GLN A 283 -9.15 -26.43 -8.68
CA GLN A 283 -9.28 -27.85 -8.98
C GLN A 283 -8.74 -28.70 -7.84
N PHE A 284 -8.20 -28.07 -6.81
CA PHE A 284 -7.66 -28.80 -5.67
C PHE A 284 -8.64 -28.76 -4.50
N THR A 285 -8.68 -29.83 -3.70
CA THR A 285 -9.58 -29.81 -2.56
C THR A 285 -8.92 -29.00 -1.46
N GLU A 286 -9.74 -28.51 -0.53
CA GLU A 286 -9.20 -27.77 0.61
C GLU A 286 -8.17 -28.62 1.38
N SER A 287 -8.47 -29.90 1.58
CA SER A 287 -7.53 -30.79 2.26
C SER A 287 -6.20 -30.88 1.51
N GLN A 288 -6.27 -31.01 0.18
CA GLN A 288 -5.06 -31.01 -0.65
C GLN A 288 -4.18 -29.77 -0.42
N LEU A 289 -4.80 -28.59 -0.47
CA LEU A 289 -4.06 -27.35 -0.29
C LEU A 289 -3.47 -27.24 1.11
N GLN A 290 -4.26 -27.60 2.12
CA GLN A 290 -3.74 -27.62 3.48
C GLN A 290 -2.59 -28.60 3.64
N SER A 291 -2.64 -29.71 2.91
N SER A 291 -2.64 -29.71 2.92
CA SER A 291 -1.58 -30.72 3.03
CA SER A 291 -1.60 -30.71 3.02
C SER A 291 -0.24 -30.17 2.55
C SER A 291 -0.25 -30.16 2.57
N HIS A 292 -0.26 -29.28 1.56
CA HIS A 292 0.98 -28.71 1.05
C HIS A 292 1.42 -27.44 1.77
N PHE A 293 0.47 -26.59 2.14
CA PHE A 293 0.81 -25.22 2.51
C PHE A 293 0.45 -24.90 3.95
N GLY A 294 -0.15 -25.88 4.63
CA GLY A 294 -0.53 -25.71 6.01
C GLY A 294 -2.02 -25.42 6.13
N GLU A 295 -2.55 -25.57 7.34
CA GLU A 295 -3.98 -25.40 7.59
C GLU A 295 -4.49 -24.02 7.18
N LYS A 296 -3.82 -22.98 7.64
CA LYS A 296 -4.25 -21.60 7.37
C LYS A 296 -4.11 -21.22 5.88
N ASN A 297 -2.91 -21.38 5.34
CA ASN A 297 -2.65 -21.04 3.95
C ASN A 297 -3.54 -21.83 3.01
N GLY A 298 -3.72 -23.12 3.28
CA GLY A 298 -4.54 -23.97 2.44
C GLY A 298 -6.00 -23.52 2.41
N SER A 299 -6.56 -23.25 3.60
CA SER A 299 -7.92 -22.72 3.71
C SER A 299 -8.05 -21.37 3.01
N TRP A 300 -7.06 -20.50 3.20
CA TRP A 300 -7.07 -19.17 2.60
C TRP A 300 -7.06 -19.26 1.07
N LEU A 301 -6.17 -20.11 0.54
CA LEU A 301 -6.07 -20.32 -0.91
C LEU A 301 -7.35 -20.90 -1.50
N TYR A 302 -7.94 -21.88 -0.81
CA TYR A 302 -9.19 -22.50 -1.28
C TYR A 302 -10.29 -21.45 -1.47
N ALA A 303 -10.47 -20.59 -0.48
CA ALA A 303 -11.46 -19.53 -0.58
C ALA A 303 -11.06 -18.44 -1.59
N MET A 304 -9.78 -18.06 -1.59
CA MET A 304 -9.31 -16.93 -2.40
C MET A 304 -9.40 -17.18 -3.90
N CYS A 305 -9.12 -18.40 -4.33
CA CYS A 305 -9.14 -18.69 -5.77
C CYS A 305 -10.58 -18.67 -6.29
N ARG A 306 -11.55 -18.70 -5.39
CA ARG A 306 -12.97 -18.56 -5.72
C ARG A 306 -13.45 -17.11 -5.47
N GLY A 307 -12.52 -16.23 -5.13
CA GLY A 307 -12.82 -14.81 -4.97
C GLY A 307 -13.30 -14.45 -3.57
N ILE A 308 -13.05 -15.33 -2.61
CA ILE A 308 -13.54 -15.16 -1.25
C ILE A 308 -12.40 -14.97 -0.27
N GLU A 309 -12.51 -13.95 0.59
CA GLU A 309 -11.48 -13.59 1.57
C GLU A 309 -12.16 -12.86 2.71
N HIS A 310 -11.76 -13.12 3.95
CA HIS A 310 -12.46 -12.55 5.11
C HIS A 310 -11.66 -11.59 5.98
N ASP A 311 -10.38 -11.37 5.64
CA ASP A 311 -9.54 -10.40 6.34
C ASP A 311 -10.27 -9.07 6.45
N PRO A 312 -10.58 -8.64 7.68
CA PRO A 312 -11.36 -7.41 7.87
C PRO A 312 -10.52 -6.16 7.64
N VAL A 313 -11.21 -5.10 7.25
CA VAL A 313 -10.60 -3.78 7.22
C VAL A 313 -10.51 -3.35 8.67
N LYS A 314 -9.30 -3.24 9.17
CA LYS A 314 -9.11 -2.82 10.55
C LYS A 314 -9.29 -1.33 10.68
N PRO A 315 -10.09 -0.91 11.64
CA PRO A 315 -10.27 0.52 11.85
C PRO A 315 -8.99 1.03 12.49
N ARG A 316 -8.09 1.55 11.66
CA ARG A 316 -6.80 2.02 12.15
C ARG A 316 -6.25 3.07 11.18
N GLN A 317 -6.34 4.33 11.57
CA GLN A 317 -5.85 5.41 10.73
C GLN A 317 -4.40 5.75 11.03
N LEU A 318 -3.86 5.21 12.11
CA LEU A 318 -2.49 5.56 12.50
C LEU A 318 -1.57 4.34 12.47
N PRO A 319 -0.30 4.56 12.08
CA PRO A 319 0.68 3.46 12.14
C PRO A 319 0.82 2.88 13.57
N LYS A 320 1.05 1.57 13.66
CA LYS A 320 1.23 0.89 14.95
C LYS A 320 2.67 1.00 15.46
N THR A 321 3.58 1.40 14.57
CA THR A 321 4.97 1.57 14.95
C THR A 321 5.51 2.87 14.42
N ILE A 322 6.58 3.37 15.05
CA ILE A 322 7.28 4.53 14.55
C ILE A 322 8.75 4.19 14.58
N GLY A 323 9.36 4.09 13.41
CA GLY A 323 10.74 3.67 13.34
C GLY A 323 11.58 4.50 12.41
N CYS A 324 12.89 4.37 12.56
CA CYS A 324 13.81 4.91 11.58
C CYS A 324 15.05 4.06 11.58
N SER A 325 15.70 4.01 10.43
CA SER A 325 16.79 3.12 10.21
C SER A 325 17.67 3.73 9.15
N LYS A 326 18.87 3.22 9.04
CA LYS A 326 19.75 3.61 7.96
C LYS A 326 20.65 2.45 7.61
N ASN A 327 20.76 2.18 6.33
CA ASN A 327 21.69 1.20 5.82
C ASN A 327 23.06 1.85 5.67
N PHE A 328 24.09 1.05 5.86
CA PHE A 328 25.45 1.50 5.69
C PHE A 328 26.17 0.51 4.80
N PRO A 329 25.91 0.57 3.48
CA PRO A 329 26.46 -0.45 2.58
C PRO A 329 27.95 -0.30 2.26
N GLY A 330 28.53 -1.39 1.78
CA GLY A 330 29.89 -1.41 1.27
C GLY A 330 30.90 -0.81 2.22
N LYS A 331 31.66 0.15 1.71
CA LYS A 331 32.72 0.78 2.49
C LYS A 331 32.18 1.60 3.66
N THR A 332 30.89 1.94 3.62
CA THR A 332 30.30 2.80 4.63
C THR A 332 29.90 2.07 5.91
N ALA A 333 29.98 0.74 5.87
CA ALA A 333 29.63 -0.10 7.02
C ALA A 333 30.35 0.34 8.29
N LEU A 334 29.60 0.52 9.36
CA LEU A 334 30.14 1.06 10.61
C LEU A 334 31.13 0.09 11.27
N ALA A 335 32.32 0.58 11.59
CA ALA A 335 33.40 -0.28 12.03
C ALA A 335 34.07 0.17 13.32
N THR A 336 33.69 1.33 13.83
CA THR A 336 34.18 1.78 15.12
C THR A 336 33.05 2.03 16.11
N ARG A 337 33.37 1.95 17.40
CA ARG A 337 32.39 2.14 18.46
C ARG A 337 31.80 3.54 18.50
N GLU A 338 32.65 4.56 18.35
CA GLU A 338 32.19 5.94 18.39
C GLU A 338 31.23 6.27 17.23
N GLN A 339 31.44 5.59 16.13
CA GLN A 339 30.69 5.81 14.91
C GLN A 339 29.29 5.18 15.04
N VAL A 340 29.27 3.94 15.50
CA VAL A 340 28.04 3.25 15.84
C VAL A 340 27.21 4.07 16.84
N GLN A 341 27.88 4.68 17.81
CA GLN A 341 27.16 5.46 18.82
C GLN A 341 26.63 6.76 18.24
N TRP A 342 27.41 7.41 17.39
CA TRP A 342 26.97 8.65 16.76
C TRP A 342 25.70 8.46 15.91
N TRP A 343 25.65 7.37 15.15
CA TRP A 343 24.47 7.07 14.32
C TRP A 343 23.25 6.63 15.13
N LEU A 344 23.47 5.92 16.24
CA LEU A 344 22.35 5.60 17.13
C LEU A 344 21.77 6.90 17.64
N LEU A 345 22.65 7.84 17.97
CA LEU A 345 22.20 9.12 18.46
C LEU A 345 21.38 9.87 17.40
N GLN A 346 21.83 9.84 16.14
CA GLN A 346 21.10 10.51 15.06
C GLN A 346 19.69 9.89 14.90
N LEU A 347 19.66 8.55 14.85
CA LEU A 347 18.39 7.81 14.75
C LEU A 347 17.48 8.10 15.93
N ALA A 348 18.06 8.10 17.12
CA ALA A 348 17.30 8.35 18.35
C ALA A 348 16.75 9.76 18.37
N GLN A 349 17.49 10.72 17.82
CA GLN A 349 17.02 12.09 17.80
C GLN A 349 15.84 12.28 16.84
N GLU A 350 15.89 11.63 15.67
CA GLU A 350 14.76 11.69 14.77
C GLU A 350 13.56 11.05 15.45
N LEU A 351 13.81 9.93 16.13
CA LEU A 351 12.74 9.15 16.75
C LEU A 351 12.08 9.93 17.88
N GLU A 352 12.89 10.58 18.71
CA GLU A 352 12.36 11.43 19.77
C GLU A 352 11.46 12.52 19.21
N GLU A 353 11.91 13.15 18.13
CA GLU A 353 11.12 14.20 17.50
C GLU A 353 9.76 13.67 17.03
N ARG A 354 9.78 12.55 16.33
CA ARG A 354 8.55 11.99 15.78
C ARG A 354 7.66 11.46 16.89
N LEU A 355 8.27 10.87 17.91
CA LEU A 355 7.53 10.38 19.07
C LEU A 355 6.82 11.50 19.83
N THR A 356 7.52 12.61 20.05
CA THR A 356 6.95 13.72 20.80
C THR A 356 5.76 14.28 20.04
N LYS A 357 5.93 14.47 18.73
CA LYS A 357 4.84 14.92 17.88
C LYS A 357 3.67 13.96 17.93
N ASP A 358 3.98 12.67 17.87
CA ASP A 358 2.94 11.64 17.93
C ASP A 358 2.13 11.76 19.22
N ARG A 359 2.82 11.82 20.35
CA ARG A 359 2.18 12.00 21.65
C ARG A 359 1.19 13.17 21.68
N ASN A 360 1.62 14.33 21.18
CA ASN A 360 0.78 15.51 21.15
C ASN A 360 -0.43 15.40 20.22
N ASP A 361 -0.21 14.77 19.05
CA ASP A 361 -1.23 14.67 18.03
C ASP A 361 -2.26 13.56 18.32
N ASN A 362 -1.77 12.45 18.87
CA ASN A 362 -2.56 11.21 18.88
C ASN A 362 -2.83 10.59 20.24
N ASP A 363 -2.37 11.25 21.31
CA ASP A 363 -2.73 10.82 22.67
C ASP A 363 -2.32 9.38 22.98
N ARG A 364 -1.09 9.04 22.63
CA ARG A 364 -0.54 7.73 22.95
C ARG A 364 0.95 7.84 23.23
N VAL A 365 1.47 6.87 23.97
CA VAL A 365 2.90 6.80 24.27
C VAL A 365 3.46 5.42 23.90
N ALA A 366 4.58 5.40 23.20
CA ALA A 366 5.28 4.13 22.93
C ALA A 366 5.92 3.65 24.22
N THR A 367 5.92 2.33 24.42
CA THR A 367 6.44 1.75 25.64
C THR A 367 7.64 0.84 25.38
N GLN A 368 7.79 0.39 24.15
CA GLN A 368 8.91 -0.51 23.85
C GLN A 368 9.82 0.03 22.75
N LEU A 369 11.11 -0.17 22.93
CA LEU A 369 12.09 0.24 21.94
C LEU A 369 12.73 -1.01 21.34
N VAL A 370 12.63 -1.14 20.03
CA VAL A 370 13.20 -2.28 19.33
C VAL A 370 14.47 -1.85 18.58
N VAL A 371 15.59 -2.52 18.86
CA VAL A 371 16.82 -2.21 18.12
C VAL A 371 17.17 -3.37 17.22
N SER A 372 17.37 -3.07 15.95
CA SER A 372 17.75 -4.09 15.01
C SER A 372 19.00 -3.63 14.28
N ILE A 373 19.87 -4.58 13.96
CA ILE A 373 21.06 -4.27 13.20
C ILE A 373 21.29 -5.37 12.17
N ARG A 374 22.16 -5.08 11.22
CA ARG A 374 22.53 -6.07 10.21
C ARG A 374 24.04 -6.04 10.15
N VAL A 375 24.65 -7.21 10.09
CA VAL A 375 26.10 -7.29 10.10
C VAL A 375 26.62 -7.69 8.72
N GLN A 376 27.82 -7.21 8.42
CA GLN A 376 28.38 -7.35 7.08
C GLN A 376 28.53 -8.80 6.63
N GLY A 377 27.87 -9.14 5.53
CA GLY A 377 27.96 -10.49 4.99
C GLY A 377 26.73 -11.35 5.27
N ASP A 378 25.72 -10.75 5.90
CA ASP A 378 24.47 -11.45 6.20
C ASP A 378 23.38 -11.03 5.22
N LYS A 379 22.86 -11.99 4.45
CA LYS A 379 21.83 -11.70 3.45
C LYS A 379 20.52 -11.25 4.07
N ARG A 380 20.18 -11.83 5.22
CA ARG A 380 18.92 -11.52 5.89
C ARG A 380 18.82 -10.03 6.26
N LEU A 381 17.65 -9.43 6.01
CA LEU A 381 17.43 -8.02 6.30
C LEU A 381 17.85 -7.65 7.72
N SER A 382 17.48 -8.51 8.67
CA SER A 382 17.88 -8.33 10.06
C SER A 382 18.80 -9.45 10.50
N SER A 383 19.93 -9.07 11.06
CA SER A 383 20.86 -10.03 11.65
C SER A 383 20.41 -10.36 13.05
N LEU A 384 19.81 -9.37 13.72
CA LEU A 384 19.51 -9.48 15.13
C LEU A 384 18.53 -8.42 15.61
N ARG A 385 17.67 -8.81 16.54
CA ARG A 385 16.68 -7.90 17.09
C ARG A 385 16.62 -8.02 18.61
N ARG A 386 16.74 -6.89 19.29
CA ARG A 386 16.65 -6.84 20.74
C ARG A 386 15.75 -5.70 21.15
N CYS A 387 15.05 -5.88 22.27
CA CYS A 387 14.14 -4.83 22.74
C CYS A 387 14.56 -4.39 24.13
N CYS A 388 14.10 -3.21 24.52
CA CYS A 388 14.25 -2.81 25.90
C CYS A 388 13.12 -1.85 26.19
N ALA A 389 12.97 -1.47 27.45
CA ALA A 389 11.90 -0.58 27.84
C ALA A 389 12.15 0.82 27.28
N LEU A 390 11.09 1.43 26.76
CA LEU A 390 11.14 2.84 26.36
C LEU A 390 10.35 3.65 27.40
N THR A 391 11.07 4.26 28.34
CA THR A 391 10.46 4.97 29.47
C THR A 391 10.42 6.48 29.30
N ARG A 392 11.39 6.99 28.55
CA ARG A 392 11.53 8.43 28.40
C ARG A 392 11.71 8.79 26.94
N TYR A 393 10.96 9.76 26.45
CA TYR A 393 11.22 10.32 25.13
C TYR A 393 12.48 11.18 25.20
N ASP A 394 13.63 10.52 25.29
CA ASP A 394 14.91 11.21 25.40
C ASP A 394 15.93 10.58 24.49
N ALA A 395 16.45 11.36 23.55
CA ALA A 395 17.29 10.81 22.49
C ALA A 395 18.58 10.19 23.02
N HIS A 396 19.21 10.83 23.99
CA HIS A 396 20.43 10.30 24.57
C HIS A 396 20.22 9.01 25.34
N LYS A 397 19.16 8.94 26.13
CA LYS A 397 18.85 7.71 26.84
C LYS A 397 18.50 6.59 25.86
N MET A 398 17.68 6.91 24.85
CA MET A 398 17.30 5.90 23.89
C MET A 398 18.50 5.37 23.13
N SER A 399 19.37 6.26 22.68
CA SER A 399 20.54 5.81 21.92
C SER A 399 21.49 4.99 22.81
N HIS A 400 21.65 5.39 24.07
CA HIS A 400 22.51 4.66 24.99
C HIS A 400 21.93 3.29 25.34
N ASP A 401 20.61 3.25 25.54
CA ASP A 401 19.91 2.01 25.81
C ASP A 401 20.10 1.03 24.65
N ALA A 402 19.98 1.54 23.43
CA ALA A 402 20.14 0.71 22.23
C ALA A 402 21.56 0.17 22.10
N PHE A 403 22.54 0.99 22.48
CA PHE A 403 23.91 0.56 22.44
C PHE A 403 24.10 -0.61 23.41
N THR A 404 23.55 -0.45 24.59
CA THR A 404 23.65 -1.45 25.64
C THR A 404 23.18 -2.83 25.19
N VAL A 405 22.05 -2.88 24.49
CA VAL A 405 21.48 -4.16 24.10
C VAL A 405 22.19 -4.84 22.93
N ILE A 406 22.87 -4.06 22.09
CA ILE A 406 23.57 -4.65 20.96
C ILE A 406 25.11 -4.68 21.10
N LYS A 407 25.63 -4.12 22.19
CA LYS A 407 27.09 -4.04 22.36
C LYS A 407 27.79 -5.41 22.39
N ASN A 408 27.08 -6.42 22.89
CA ASN A 408 27.65 -7.77 22.97
C ASN A 408 27.81 -8.42 21.60
N CYS A 409 27.15 -7.85 20.59
CA CYS A 409 27.24 -8.36 19.22
C CYS A 409 28.60 -8.10 18.60
N ASN A 410 29.35 -7.16 19.17
CA ASN A 410 30.68 -6.83 18.66
C ASN A 410 31.72 -7.85 19.11
N THR A 411 32.50 -8.35 18.15
CA THR A 411 33.62 -9.22 18.42
C THR A 411 34.60 -8.49 19.32
N SER A 412 35.05 -7.34 18.84
CA SER A 412 35.86 -6.39 19.61
C SER A 412 36.36 -5.32 18.66
N THR A 416 37.21 -0.37 21.38
CA THR A 416 37.19 0.92 20.72
C THR A 416 36.96 0.75 19.20
N GLU A 417 37.01 -0.51 18.74
CA GLU A 417 36.71 -0.90 17.36
C GLU A 417 35.52 -1.85 17.24
N TRP A 418 34.86 -1.87 16.09
CA TRP A 418 33.65 -2.69 15.90
C TRP A 418 33.75 -3.69 14.75
N SER A 419 33.71 -4.97 15.05
CA SER A 419 33.65 -5.96 13.99
C SER A 419 32.69 -7.06 14.42
N PRO A 420 32.01 -7.68 13.46
CA PRO A 420 32.03 -7.32 12.04
C PRO A 420 31.31 -5.98 11.86
N PRO A 421 31.57 -5.30 10.73
CA PRO A 421 31.00 -3.95 10.55
C PRO A 421 29.48 -3.97 10.46
N LEU A 422 28.83 -2.89 10.91
CA LEU A 422 27.36 -2.83 10.84
C LEU A 422 26.90 -2.24 9.51
N THR A 423 25.96 -2.90 8.85
CA THR A 423 25.49 -2.45 7.55
C THR A 423 24.09 -1.84 7.65
N MET A 424 23.52 -1.90 8.86
CA MET A 424 22.18 -1.37 9.11
C MET A 424 21.93 -1.17 10.59
N LEU A 425 21.33 -0.02 10.92
CA LEU A 425 20.85 0.27 12.27
C LEU A 425 19.36 0.61 12.18
N PHE A 426 18.58 0.15 13.13
CA PHE A 426 17.14 0.34 13.11
C PHE A 426 16.61 0.53 14.51
N LEU A 427 16.01 1.69 14.76
CA LEU A 427 15.29 1.91 16.02
C LEU A 427 13.81 2.02 15.74
N CYS A 428 13.04 1.17 16.39
CA CYS A 428 11.58 1.21 16.23
C CYS A 428 10.87 1.41 17.58
N ALA A 429 10.00 2.41 17.65
CA ALA A 429 9.13 2.53 18.82
C ALA A 429 7.85 1.75 18.58
N THR A 430 7.53 0.85 19.52
CA THR A 430 6.36 -0.03 19.42
C THR A 430 5.58 -0.08 20.73
N LYS A 431 4.48 -0.83 20.72
CA LYS A 431 3.68 -1.08 21.91
C LYS A 431 3.09 0.20 22.51
N PHE A 432 2.23 0.85 21.73
CA PHE A 432 1.62 2.11 22.14
C PHE A 432 0.52 1.90 23.17
N SER A 433 0.40 2.85 24.08
CA SER A 433 -0.64 2.84 25.09
C SER A 433 -1.27 4.23 25.16
N ALA A 434 -2.56 4.28 25.49
CA ALA A 434 -3.32 5.52 25.48
C ALA A 434 -2.72 6.51 26.48
N SER A 435 -2.75 7.77 26.11
CA SER A 435 -2.12 8.81 26.92
C SER A 435 -2.94 10.10 26.87
#